data_8GPP
#
_entry.id   8GPP
#
_cell.length_a   51.073
_cell.length_b   93.123
_cell.length_c   56.445
_cell.angle_alpha   90.000
_cell.angle_beta   109.410
_cell.angle_gamma   90.000
#
_symmetry.space_group_name_H-M   'P 1 21 1'
#
loop_
_entity.id
_entity.type
_entity.pdbx_description
1 polymer 'Carbonic anhydrase'
2 non-polymer 'BICARBONATE ION'
3 non-polymer 'ZINC ION'
4 non-polymer 'CALCIUM ION'
5 water water
#
_entity_poly.entity_id   1
_entity_poly.type   'polypeptide(L)'
_entity_poly.pdbx_seq_one_letter_code
;MGHHHHHHPCYSIDGVIPVVSPDAFVHPTAVLIGDVIIEAGVYVGPFASLRADFGRIHINQNANIQDSCTVHGFPQSVTL
VEEMGHIGHGAILHGCRIGKNVLVGMNSVILDYAEIGENTIIGANSLVKTKDIIPANVLAMGSPAKVARDLSEQEKKWKT
RGTQEYMELAQRCLNSMQEVQPLSSESDDRLTYKDFSSSNYQIKQDSV
;
_entity_poly.pdbx_strand_id   A,B,C
#
loop_
_chem_comp.id
_chem_comp.type
_chem_comp.name
_chem_comp.formula
BCT non-polymer 'BICARBONATE ION' 'C H O3 -1'
CA non-polymer 'CALCIUM ION' 'Ca 2'
ZN non-polymer 'ZINC ION' 'Zn 2'
#
# COMPACT_ATOMS: atom_id res chain seq x y z
N PRO A 9 -0.91 -7.11 17.22
CA PRO A 9 -1.42 -6.73 15.91
C PRO A 9 -2.37 -7.79 15.35
N CYS A 10 -2.86 -8.66 16.21
CA CYS A 10 -3.74 -9.74 15.79
C CYS A 10 -5.18 -9.41 16.13
N TYR A 11 -6.09 -9.69 15.19
CA TYR A 11 -7.51 -9.45 15.39
C TYR A 11 -8.29 -10.73 15.18
N SER A 12 -9.20 -11.01 16.10
CA SER A 12 -10.13 -12.11 15.88
C SER A 12 -11.36 -11.59 15.17
N ILE A 13 -12.04 -12.50 14.46
CA ILE A 13 -13.35 -12.24 13.89
C ILE A 13 -14.13 -13.54 13.93
N ASP A 14 -15.40 -13.44 14.34
CA ASP A 14 -16.22 -14.62 14.57
C ASP A 14 -15.50 -15.58 15.49
N GLY A 15 -14.66 -15.05 16.38
CA GLY A 15 -13.90 -15.84 17.33
C GLY A 15 -12.71 -16.58 16.76
N VAL A 16 -12.43 -16.43 15.47
CA VAL A 16 -11.30 -17.11 14.87
C VAL A 16 -10.05 -16.26 15.14
N ILE A 17 -9.01 -16.90 15.69
CA ILE A 17 -7.84 -16.22 16.23
C ILE A 17 -6.61 -16.63 15.45
N PRO A 18 -5.77 -15.67 15.03
CA PRO A 18 -4.55 -16.03 14.29
C PRO A 18 -3.60 -16.90 15.09
N VAL A 19 -2.80 -17.67 14.37
CA VAL A 19 -1.76 -18.51 14.96
C VAL A 19 -0.41 -18.00 14.46
N VAL A 20 0.46 -17.63 15.40
CA VAL A 20 1.74 -17.02 15.06
C VAL A 20 2.83 -17.81 15.77
N SER A 21 3.67 -18.47 14.99
CA SER A 21 4.78 -19.18 15.60
C SER A 21 5.63 -18.20 16.41
N PRO A 22 6.07 -18.60 17.60
CA PRO A 22 6.98 -17.75 18.37
C PRO A 22 8.26 -17.40 17.62
N ASP A 23 8.64 -18.16 16.59
CA ASP A 23 9.88 -17.91 15.86
C ASP A 23 9.66 -17.10 14.61
N ALA A 24 8.48 -16.53 14.42
CA ALA A 24 8.22 -15.61 13.33
C ALA A 24 8.25 -14.18 13.88
N PHE A 25 8.55 -13.23 13.02
CA PHE A 25 8.48 -11.82 13.40
C PHE A 25 7.35 -11.15 12.63
N VAL A 26 6.39 -10.60 13.35
CA VAL A 26 5.31 -9.81 12.77
C VAL A 26 5.53 -8.37 13.21
N HIS A 27 5.84 -7.48 12.29
CA HIS A 27 6.00 -6.09 12.70
C HIS A 27 4.75 -5.61 13.43
N PRO A 28 4.89 -4.78 14.47
CA PRO A 28 3.72 -4.37 15.25
C PRO A 28 2.69 -3.58 14.48
N THR A 29 3.02 -3.05 13.30
CA THR A 29 2.08 -2.32 12.48
C THR A 29 1.49 -3.16 11.37
N ALA A 30 1.79 -4.46 11.33
CA ALA A 30 1.06 -5.34 10.46
C ALA A 30 -0.31 -5.62 11.06
N VAL A 31 -1.18 -6.24 10.27
CA VAL A 31 -2.50 -6.63 10.76
C VAL A 31 -2.77 -8.06 10.30
N LEU A 32 -3.06 -8.93 11.27
CA LEU A 32 -3.47 -10.31 11.01
C LEU A 32 -4.90 -10.46 11.47
N ILE A 33 -5.77 -10.87 10.56
CA ILE A 33 -7.20 -10.97 10.84
C ILE A 33 -7.68 -12.40 10.59
N GLY A 34 -8.22 -13.01 11.62
CA GLY A 34 -8.99 -14.24 11.42
C GLY A 34 -8.09 -15.44 11.27
N ASP A 35 -8.36 -16.25 10.25
CA ASP A 35 -7.72 -17.56 10.16
C ASP A 35 -6.39 -17.44 9.42
N VAL A 36 -5.44 -16.76 10.07
CA VAL A 36 -4.08 -16.63 9.56
C VAL A 36 -3.17 -17.52 10.40
N ILE A 37 -2.38 -18.34 9.72
CA ILE A 37 -1.39 -19.18 10.39
C ILE A 37 -0.01 -18.79 9.86
N ILE A 38 0.88 -18.39 10.77
CA ILE A 38 2.23 -17.96 10.44
C ILE A 38 3.21 -18.97 11.03
N GLU A 39 3.99 -19.64 10.17
CA GLU A 39 4.97 -20.63 10.65
C GLU A 39 6.29 -19.97 11.04
N ALA A 40 7.24 -20.80 11.51
CA ALA A 40 8.50 -20.31 12.06
C ALA A 40 9.36 -19.62 11.00
N GLY A 41 10.18 -18.67 11.44
CA GLY A 41 11.15 -18.01 10.60
C GLY A 41 10.59 -16.97 9.67
N VAL A 42 9.27 -16.78 9.64
CA VAL A 42 8.67 -15.85 8.70
C VAL A 42 8.90 -14.41 9.15
N TYR A 43 9.01 -13.52 8.17
CA TYR A 43 9.03 -12.08 8.39
C TYR A 43 7.78 -11.47 7.79
N VAL A 44 7.04 -10.71 8.61
CA VAL A 44 5.91 -9.90 8.13
C VAL A 44 6.23 -8.43 8.43
N GLY A 45 6.32 -7.62 7.37
CA GLY A 45 6.75 -6.24 7.49
C GLY A 45 5.63 -5.25 7.74
N PRO A 46 6.01 -3.96 7.84
CA PRO A 46 5.02 -2.92 8.20
C PRO A 46 3.86 -2.87 7.23
N PHE A 47 2.66 -2.74 7.79
CA PHE A 47 1.42 -2.52 7.04
C PHE A 47 1.06 -3.69 6.13
N ALA A 48 1.62 -4.86 6.38
CA ALA A 48 1.14 -6.05 5.72
C ALA A 48 -0.21 -6.43 6.29
N SER A 49 -1.21 -6.62 5.43
CA SER A 49 -2.53 -7.05 5.89
C SER A 49 -2.74 -8.51 5.48
N LEU A 50 -2.76 -9.39 6.47
CA LEU A 50 -3.08 -10.78 6.25
C LEU A 50 -4.51 -10.89 6.74
N ARG A 51 -5.44 -10.74 5.83
CA ARG A 51 -6.85 -10.60 6.17
C ARG A 51 -7.53 -11.92 5.84
N ALA A 52 -7.69 -12.77 6.86
CA ALA A 52 -8.39 -14.04 6.69
C ALA A 52 -9.76 -13.95 7.34
N ASP A 53 -10.62 -13.07 6.83
CA ASP A 53 -11.98 -12.93 7.34
C ASP A 53 -13.01 -13.62 6.45
N PHE A 54 -12.58 -14.12 5.30
CA PHE A 54 -13.43 -14.94 4.43
C PHE A 54 -12.93 -16.35 4.26
N GLY A 55 -11.60 -16.56 4.25
CA GLY A 55 -11.03 -17.88 4.09
C GLY A 55 -9.79 -18.01 4.95
N ARG A 56 -8.92 -18.95 4.59
CA ARG A 56 -7.71 -19.23 5.36
C ARG A 56 -6.49 -18.64 4.68
N ILE A 57 -5.54 -18.17 5.47
CA ILE A 57 -4.26 -17.75 4.96
C ILE A 57 -3.15 -18.55 5.68
N HIS A 58 -2.30 -19.19 4.90
CA HIS A 58 -1.22 -19.94 5.47
C HIS A 58 0.13 -19.52 4.96
N ILE A 59 1.00 -19.08 5.87
CA ILE A 59 2.32 -18.59 5.52
C ILE A 59 3.34 -19.58 6.05
N ASN A 60 3.98 -20.33 5.15
CA ASN A 60 4.86 -21.40 5.59
C ASN A 60 6.22 -20.87 6.03
N GLN A 61 7.06 -21.75 6.54
CA GLN A 61 8.23 -21.29 7.28
C GLN A 61 9.26 -20.61 6.36
N ASN A 62 9.95 -19.62 6.92
CA ASN A 62 11.04 -18.90 6.26
C ASN A 62 10.59 -18.08 5.05
N ALA A 63 9.30 -17.76 4.95
CA ALA A 63 8.80 -16.83 3.95
C ALA A 63 8.79 -15.41 4.49
N ASN A 64 8.63 -14.45 3.59
CA ASN A 64 8.49 -13.08 4.04
C ASN A 64 7.40 -12.36 3.26
N ILE A 65 6.64 -11.57 4.00
CA ILE A 65 5.61 -10.68 3.49
C ILE A 65 6.08 -9.27 3.78
N GLN A 66 6.25 -8.47 2.72
CA GLN A 66 6.90 -7.17 2.87
C GLN A 66 5.87 -6.07 3.06
N ASP A 67 6.34 -4.81 3.05
CA ASP A 67 5.57 -3.67 3.50
C ASP A 67 4.36 -3.43 2.61
N SER A 68 3.23 -3.13 3.27
CA SER A 68 1.97 -2.83 2.58
C SER A 68 1.57 -3.95 1.61
N CYS A 69 2.04 -5.16 1.83
CA CYS A 69 1.48 -6.29 1.13
C CYS A 69 0.08 -6.59 1.66
N THR A 70 -0.73 -7.22 0.82
CA THR A 70 -2.05 -7.65 1.24
C THR A 70 -2.28 -9.10 0.82
N VAL A 71 -2.73 -9.91 1.78
CA VAL A 71 -3.12 -11.28 1.51
C VAL A 71 -4.59 -11.42 1.89
N HIS A 72 -5.41 -11.79 0.92
CA HIS A 72 -6.85 -11.94 1.14
C HIS A 72 -7.34 -13.08 0.26
N GLY A 73 -8.64 -13.38 0.36
CA GLY A 73 -9.15 -14.48 -0.43
C GLY A 73 -10.66 -14.54 -0.43
N PHE A 74 -11.18 -15.43 -1.26
CA PHE A 74 -12.61 -15.64 -1.37
C PHE A 74 -13.16 -16.28 -0.11
N PRO A 75 -14.48 -16.21 0.07
CA PRO A 75 -15.09 -17.03 1.11
C PRO A 75 -14.69 -18.48 0.90
N GLN A 76 -14.30 -19.15 1.97
CA GLN A 76 -13.88 -20.55 1.92
C GLN A 76 -12.61 -20.76 1.07
N SER A 77 -11.88 -19.68 0.79
CA SER A 77 -10.64 -19.80 0.06
C SER A 77 -9.49 -20.18 0.99
N VAL A 78 -8.43 -20.74 0.41
CA VAL A 78 -7.16 -20.98 1.09
C VAL A 78 -6.08 -20.30 0.28
N THR A 79 -5.47 -19.27 0.85
CA THR A 79 -4.34 -18.59 0.23
C THR A 79 -3.09 -19.13 0.89
N LEU A 80 -2.17 -19.65 0.09
CA LEU A 80 -1.01 -20.36 0.60
C LEU A 80 0.25 -19.71 0.08
N VAL A 81 1.16 -19.38 1.00
CA VAL A 81 2.54 -19.05 0.64
C VAL A 81 3.39 -20.19 1.15
N GLU A 82 4.03 -20.90 0.25
CA GLU A 82 4.81 -22.04 0.68
C GLU A 82 6.17 -21.60 1.21
N GLU A 83 6.98 -22.59 1.57
CA GLU A 83 8.23 -22.33 2.26
C GLU A 83 9.08 -21.36 1.44
N MET A 84 9.73 -20.43 2.14
CA MET A 84 10.62 -19.43 1.54
C MET A 84 9.97 -18.62 0.43
N GLY A 85 8.65 -18.52 0.42
CA GLY A 85 7.99 -17.55 -0.44
C GLY A 85 8.41 -16.13 -0.09
N HIS A 86 8.62 -15.33 -1.12
CA HIS A 86 9.29 -14.04 -1.00
C HIS A 86 8.38 -13.00 -1.69
N ILE A 87 7.57 -12.32 -0.88
CA ILE A 87 6.47 -11.47 -1.37
C ILE A 87 6.92 -10.01 -1.27
N GLY A 88 7.20 -9.40 -2.41
CA GLY A 88 7.79 -8.07 -2.41
C GLY A 88 6.82 -6.96 -2.01
N HIS A 89 7.42 -5.84 -1.59
CA HIS A 89 6.70 -4.63 -1.22
C HIS A 89 5.49 -4.41 -2.10
N GLY A 90 4.35 -4.22 -1.45
CA GLY A 90 3.14 -3.80 -2.13
C GLY A 90 2.41 -4.86 -2.94
N ALA A 91 2.95 -6.07 -3.04
CA ALA A 91 2.28 -7.13 -3.80
C ALA A 91 1.01 -7.57 -3.09
N ILE A 92 0.04 -8.03 -3.88
CA ILE A 92 -1.28 -8.41 -3.39
C ILE A 92 -1.54 -9.88 -3.77
N LEU A 93 -1.80 -10.73 -2.77
CA LEU A 93 -2.08 -12.14 -2.96
C LEU A 93 -3.54 -12.38 -2.66
N HIS A 94 -4.28 -12.85 -3.65
CA HIS A 94 -5.72 -13.05 -3.50
C HIS A 94 -6.07 -14.48 -3.88
N GLY A 95 -6.29 -15.31 -2.87
CA GLY A 95 -6.74 -16.68 -3.09
C GLY A 95 -5.90 -17.50 -4.03
N CYS A 96 -4.61 -17.32 -3.98
CA CYS A 96 -3.69 -17.99 -4.85
C CYS A 96 -2.76 -18.91 -4.10
N ARG A 97 -1.94 -19.64 -4.83
CA ARG A 97 -0.95 -20.52 -4.24
C ARG A 97 0.43 -20.16 -4.72
N ILE A 98 1.28 -19.74 -3.81
CA ILE A 98 2.62 -19.38 -4.15
C ILE A 98 3.51 -20.57 -3.89
N GLY A 99 4.22 -21.05 -4.91
CA GLY A 99 5.04 -22.23 -4.72
C GLY A 99 6.27 -21.95 -3.89
N LYS A 100 6.89 -23.06 -3.46
CA LYS A 100 8.09 -22.98 -2.63
C LYS A 100 9.14 -22.09 -3.27
N ASN A 101 9.69 -21.17 -2.46
CA ASN A 101 10.86 -20.41 -2.86
C ASN A 101 10.57 -19.50 -4.04
N VAL A 102 9.32 -19.07 -4.19
CA VAL A 102 8.93 -18.16 -5.25
C VAL A 102 9.23 -16.73 -4.82
N LEU A 103 9.50 -15.87 -5.80
CA LEU A 103 9.66 -14.44 -5.60
C LEU A 103 8.54 -13.71 -6.33
N VAL A 104 7.71 -12.99 -5.59
CA VAL A 104 6.63 -12.20 -6.18
C VAL A 104 7.09 -10.77 -6.19
N GLY A 105 7.40 -10.25 -7.38
CA GLY A 105 7.96 -8.92 -7.47
C GLY A 105 7.05 -7.85 -6.88
N MET A 106 7.67 -6.75 -6.46
CA MET A 106 6.92 -5.71 -5.77
C MET A 106 5.80 -5.15 -6.64
N ASN A 107 4.71 -4.76 -5.96
CA ASN A 107 3.56 -4.12 -6.58
C ASN A 107 2.83 -5.05 -7.55
N SER A 108 2.99 -6.36 -7.41
CA SER A 108 2.34 -7.32 -8.29
C SER A 108 1.04 -7.82 -7.69
N VAL A 109 0.16 -8.31 -8.57
CA VAL A 109 -1.15 -8.81 -8.15
C VAL A 109 -1.25 -10.27 -8.58
N ILE A 110 -1.52 -11.16 -7.63
CA ILE A 110 -1.69 -12.58 -7.94
C ILE A 110 -3.15 -12.96 -7.65
N LEU A 111 -3.91 -13.26 -8.69
CA LEU A 111 -5.35 -13.41 -8.53
C LEU A 111 -5.78 -14.84 -8.20
N ASP A 112 -7.09 -14.99 -7.98
CA ASP A 112 -7.62 -16.17 -7.32
C ASP A 112 -7.41 -17.43 -8.13
N TYR A 113 -7.07 -18.51 -7.43
CA TYR A 113 -6.84 -19.83 -7.99
C TYR A 113 -5.54 -19.91 -8.79
N ALA A 114 -4.84 -18.79 -8.97
CA ALA A 114 -3.56 -18.84 -9.64
C ALA A 114 -2.51 -19.58 -8.81
N GLU A 115 -1.58 -20.22 -9.49
CA GLU A 115 -0.48 -20.92 -8.83
C GLU A 115 0.83 -20.57 -9.51
N ILE A 116 1.86 -20.36 -8.70
CA ILE A 116 3.19 -20.05 -9.17
C ILE A 116 4.08 -21.24 -8.84
N GLY A 117 4.64 -21.87 -9.86
CA GLY A 117 5.49 -23.02 -9.64
C GLY A 117 6.72 -22.67 -8.83
N GLU A 118 7.29 -23.70 -8.24
CA GLU A 118 8.41 -23.56 -7.33
C GLU A 118 9.55 -22.81 -8.01
N ASN A 119 10.22 -21.95 -7.22
CA ASN A 119 11.41 -21.18 -7.60
C ASN A 119 11.16 -20.06 -8.62
N THR A 120 9.97 -19.99 -9.19
CA THR A 120 9.73 -19.00 -10.24
C THR A 120 9.85 -17.57 -9.70
N ILE A 121 10.25 -16.64 -10.56
CA ILE A 121 10.35 -15.24 -10.20
C ILE A 121 9.28 -14.46 -10.98
N ILE A 122 8.44 -13.72 -10.27
CA ILE A 122 7.45 -12.87 -10.91
C ILE A 122 7.96 -11.45 -10.87
N GLY A 123 8.10 -10.83 -12.04
CA GLY A 123 8.61 -9.48 -12.12
C GLY A 123 7.70 -8.47 -11.44
N ALA A 124 8.30 -7.33 -11.07
CA ALA A 124 7.56 -6.27 -10.41
C ALA A 124 6.43 -5.77 -11.31
N ASN A 125 5.36 -5.30 -10.67
CA ASN A 125 4.24 -4.67 -11.37
C ASN A 125 3.52 -5.65 -12.28
N SER A 126 3.58 -6.93 -11.97
CA SER A 126 2.98 -7.93 -12.83
C SER A 126 1.58 -8.26 -12.33
N LEU A 127 0.82 -8.96 -13.17
CA LEU A 127 -0.53 -9.39 -12.85
C LEU A 127 -0.71 -10.82 -13.32
N VAL A 128 -0.94 -11.74 -12.39
CA VAL A 128 -1.23 -13.13 -12.74
C VAL A 128 -2.73 -13.31 -12.71
N LYS A 129 -3.33 -13.54 -13.88
CA LYS A 129 -4.79 -13.65 -13.98
C LYS A 129 -5.33 -14.81 -13.17
N THR A 130 -6.61 -14.72 -12.84
CA THR A 130 -7.29 -15.78 -12.10
C THR A 130 -7.12 -17.10 -12.84
N LYS A 131 -6.87 -18.17 -12.06
CA LYS A 131 -6.77 -19.57 -12.51
C LYS A 131 -5.52 -19.84 -13.33
N ASP A 132 -4.66 -18.85 -13.55
CA ASP A 132 -3.43 -19.06 -14.30
C ASP A 132 -2.45 -19.95 -13.53
N ILE A 133 -1.76 -20.82 -14.25
CA ILE A 133 -0.72 -21.68 -13.68
C ILE A 133 0.60 -21.28 -14.29
N ILE A 134 1.49 -20.74 -13.47
CA ILE A 134 2.83 -20.37 -13.89
C ILE A 134 3.76 -21.53 -13.57
N PRO A 135 4.53 -22.02 -14.53
CA PRO A 135 5.38 -23.19 -14.25
C PRO A 135 6.53 -22.84 -13.33
N ALA A 136 7.21 -23.88 -12.89
CA ALA A 136 8.34 -23.77 -11.99
C ALA A 136 9.57 -23.23 -12.72
N ASN A 137 10.46 -22.60 -11.95
CA ASN A 137 11.83 -22.28 -12.40
C ASN A 137 11.85 -21.37 -13.61
N VAL A 138 10.89 -20.46 -13.72
CA VAL A 138 10.88 -19.53 -14.85
C VAL A 138 10.81 -18.11 -14.32
N LEU A 139 11.05 -17.18 -15.24
CA LEU A 139 10.75 -15.76 -15.03
C LEU A 139 9.47 -15.43 -15.78
N ALA A 140 8.51 -14.83 -15.09
CA ALA A 140 7.29 -14.35 -15.71
C ALA A 140 7.02 -12.91 -15.28
N MET A 141 6.55 -12.09 -16.21
CA MET A 141 6.29 -10.70 -15.91
C MET A 141 5.22 -10.17 -16.85
N GLY A 142 4.80 -8.94 -16.58
CA GLY A 142 3.82 -8.27 -17.41
C GLY A 142 2.45 -8.24 -16.78
N SER A 143 1.55 -7.58 -17.50
CA SER A 143 0.20 -7.31 -17.01
C SER A 143 -0.72 -7.39 -18.22
N PRO A 144 -1.26 -8.57 -18.54
CA PRO A 144 -1.14 -9.78 -17.72
C PRO A 144 0.22 -10.46 -17.89
N ALA A 145 0.69 -11.14 -16.85
CA ALA A 145 2.03 -11.72 -16.88
C ALA A 145 2.09 -12.94 -17.77
N LYS A 146 3.20 -13.09 -18.48
CA LYS A 146 3.47 -14.23 -19.32
C LYS A 146 4.88 -14.75 -19.04
N VAL A 147 5.11 -16.04 -19.29
CA VAL A 147 6.43 -16.63 -19.12
C VAL A 147 7.39 -16.02 -20.12
N ALA A 148 8.57 -15.59 -19.66
CA ALA A 148 9.54 -15.01 -20.57
C ALA A 148 10.67 -15.95 -20.92
N ARG A 149 11.13 -16.75 -19.97
CA ARG A 149 12.28 -17.62 -20.22
C ARG A 149 12.54 -18.43 -18.96
N ASP A 150 13.48 -19.36 -19.07
CA ASP A 150 13.90 -20.12 -17.91
C ASP A 150 14.74 -19.26 -16.98
N LEU A 151 14.62 -19.51 -15.68
CA LEU A 151 15.51 -18.87 -14.73
C LEU A 151 16.90 -19.45 -14.92
N SER A 152 17.92 -18.60 -14.76
CA SER A 152 19.30 -19.05 -14.79
C SER A 152 19.68 -19.66 -13.44
N GLU A 153 20.77 -20.42 -13.43
CA GLU A 153 21.26 -20.95 -12.17
C GLU A 153 21.72 -19.84 -11.24
N GLN A 154 22.40 -18.83 -11.79
CA GLN A 154 22.80 -17.68 -10.98
C GLN A 154 21.57 -16.96 -10.42
N GLU A 155 20.54 -16.73 -11.25
CA GLU A 155 19.35 -16.06 -10.73
C GLU A 155 18.74 -16.83 -9.57
N LYS A 156 18.74 -18.17 -9.66
CA LYS A 156 18.20 -18.96 -8.56
C LYS A 156 19.03 -18.77 -7.29
N LYS A 157 20.35 -18.72 -7.41
CA LYS A 157 21.18 -18.46 -6.23
C LYS A 157 20.92 -17.06 -5.66
N TRP A 158 20.82 -16.04 -6.52
CA TRP A 158 20.61 -14.68 -6.04
C TRP A 158 19.30 -14.56 -5.26
N LYS A 159 18.23 -15.19 -5.75
CA LYS A 159 16.96 -15.17 -5.03
C LYS A 159 17.11 -15.78 -3.64
N THR A 160 17.73 -16.96 -3.56
CA THR A 160 17.93 -17.64 -2.30
C THR A 160 18.68 -16.78 -1.30
N ARG A 161 19.81 -16.20 -1.72
CA ARG A 161 20.47 -15.14 -0.96
C ARG A 161 19.47 -14.10 -0.44
N GLY A 162 18.68 -13.51 -1.34
CA GLY A 162 17.69 -12.52 -0.91
C GLY A 162 16.82 -13.02 0.22
N THR A 163 16.22 -14.21 0.06
CA THR A 163 15.34 -14.76 1.09
C THR A 163 16.11 -15.04 2.38
N GLN A 164 17.35 -15.56 2.28
CA GLN A 164 18.14 -15.81 3.48
C GLN A 164 18.34 -14.53 4.28
N GLU A 165 18.55 -13.40 3.60
CA GLU A 165 18.62 -12.12 4.29
C GLU A 165 17.32 -11.80 5.04
N TYR A 166 16.17 -12.17 4.47
CA TYR A 166 14.92 -11.92 5.20
C TYR A 166 14.75 -12.91 6.34
N MET A 167 15.17 -14.16 6.16
CA MET A 167 15.18 -15.07 7.31
C MET A 167 16.04 -14.50 8.43
N GLU A 168 17.22 -13.97 8.07
CA GLU A 168 18.08 -13.32 9.05
C GLU A 168 17.39 -12.10 9.66
N LEU A 169 16.72 -11.31 8.81
CA LEU A 169 16.02 -10.11 9.30
C LEU A 169 14.99 -10.47 10.36
N ALA A 170 14.22 -11.54 10.13
CA ALA A 170 13.27 -11.98 11.13
C ALA A 170 13.94 -12.17 12.47
N GLN A 171 15.10 -12.84 12.46
CA GLN A 171 15.84 -13.06 13.70
C GLN A 171 16.35 -11.74 14.27
N ARG A 172 16.93 -10.90 13.42
CA ARG A 172 17.39 -9.60 13.90
C ARG A 172 16.27 -8.83 14.57
N CYS A 173 15.06 -8.86 13.99
CA CYS A 173 13.98 -8.04 14.54
C CYS A 173 13.47 -8.61 15.86
N LEU A 174 13.38 -9.94 15.97
CA LEU A 174 13.07 -10.53 17.28
C LEU A 174 14.12 -10.16 18.30
N ASN A 175 15.38 -10.06 17.88
CA ASN A 175 16.45 -9.82 18.85
C ASN A 175 16.51 -8.37 19.29
N SER A 176 16.31 -7.42 18.38
CA SER A 176 16.71 -6.06 18.69
C SER A 176 15.75 -4.97 18.24
N MET A 177 14.69 -5.27 17.49
CA MET A 177 13.85 -4.17 17.05
C MET A 177 12.97 -3.67 18.19
N GLN A 178 12.97 -2.37 18.40
CA GLN A 178 12.10 -1.83 19.44
C GLN A 178 11.74 -0.39 19.13
N GLU A 179 10.61 0.04 19.71
CA GLU A 179 10.19 1.42 19.58
C GLU A 179 11.22 2.34 20.20
N VAL A 180 11.52 3.44 19.51
CA VAL A 180 12.41 4.46 20.06
C VAL A 180 11.94 5.83 19.60
N GLN A 181 12.23 6.83 20.42
CA GLN A 181 12.18 8.20 19.96
C GLN A 181 13.31 8.43 18.97
N PRO A 182 13.06 9.15 17.87
CA PRO A 182 14.13 9.44 16.92
C PRO A 182 15.14 10.43 17.49
N LEU A 183 16.31 10.43 16.89
CA LEU A 183 17.30 11.48 17.16
C LEU A 183 16.94 12.72 16.35
N SER A 184 17.27 13.89 16.90
CA SER A 184 16.90 15.15 16.25
C SER A 184 17.90 15.61 15.19
N SER A 185 19.10 15.02 15.15
CA SER A 185 20.04 15.36 14.09
C SER A 185 21.01 14.19 13.91
N GLU A 186 21.64 14.16 12.75
CA GLU A 186 22.70 13.19 12.52
C GLU A 186 23.86 13.49 13.45
N SER A 187 24.56 12.43 13.88
CA SER A 187 25.71 12.61 14.74
C SER A 187 26.87 11.75 14.25
N ASP A 188 28.08 12.13 14.69
CA ASP A 188 29.29 11.44 14.26
C ASP A 188 29.40 10.05 14.90
N ASP A 189 28.80 9.86 16.07
CA ASP A 189 28.99 8.62 16.82
C ASP A 189 27.74 7.75 16.89
N ARG A 190 26.63 8.16 16.27
CA ARG A 190 25.43 7.33 16.25
C ARG A 190 25.63 6.09 15.39
N LEU A 191 25.02 4.99 15.82
CA LEU A 191 25.06 3.76 15.02
C LEU A 191 24.42 4.01 13.65
N THR A 192 24.91 3.28 12.64
CA THR A 192 24.46 3.47 11.27
C THR A 192 24.28 2.11 10.63
N TYR A 193 23.85 2.10 9.36
CA TYR A 193 23.72 0.86 8.60
C TYR A 193 25.04 0.12 8.47
N LYS A 194 26.18 0.84 8.57
CA LYS A 194 27.48 0.19 8.56
C LYS A 194 27.66 -0.74 9.75
N ASP A 195 26.84 -0.58 10.77
CA ASP A 195 26.81 -1.46 11.95
C ASP A 195 25.83 -2.62 11.81
N PHE A 196 25.20 -2.80 10.65
CA PHE A 196 24.29 -3.90 10.49
C PHE A 196 25.06 -5.18 10.26
N SER A 197 24.39 -6.30 10.44
CA SER A 197 24.99 -7.59 10.21
C SER A 197 24.81 -7.90 8.73
N PRO B 9 -8.78 6.02 14.68
CA PRO B 9 -8.04 6.26 13.43
C PRO B 9 -8.43 7.56 12.71
N CYS B 10 -9.16 8.45 13.39
CA CYS B 10 -9.60 9.69 12.78
C CYS B 10 -8.70 10.83 13.23
N TYR B 11 -8.29 11.66 12.27
CA TYR B 11 -7.45 12.83 12.55
C TYR B 11 -8.12 14.07 11.98
N SER B 12 -8.19 15.12 12.78
CA SER B 12 -8.62 16.40 12.28
C SER B 12 -7.43 17.18 11.76
N ILE B 13 -7.70 18.13 10.87
CA ILE B 13 -6.69 19.09 10.43
C ILE B 13 -7.39 20.42 10.19
N ASP B 14 -6.80 21.50 10.70
CA ASP B 14 -7.43 22.81 10.64
C ASP B 14 -8.82 22.77 11.27
N GLY B 15 -9.01 21.93 12.29
CA GLY B 15 -10.28 21.81 12.95
C GLY B 15 -11.33 21.01 12.20
N VAL B 16 -11.01 20.50 11.02
CA VAL B 16 -11.97 19.70 10.25
C VAL B 16 -11.95 18.26 10.75
N ILE B 17 -13.12 17.74 11.09
CA ILE B 17 -13.24 16.45 11.76
C ILE B 17 -13.98 15.49 10.84
N PRO B 18 -13.47 14.28 10.64
CA PRO B 18 -14.20 13.30 9.83
C PRO B 18 -15.56 13.00 10.44
N VAL B 19 -16.49 12.58 9.59
CA VAL B 19 -17.84 12.16 9.95
C VAL B 19 -18.00 10.68 9.62
N VAL B 20 -18.32 9.87 10.63
CA VAL B 20 -18.37 8.42 10.49
C VAL B 20 -19.72 7.92 10.99
N SER B 21 -20.50 7.35 10.08
CA SER B 21 -21.78 6.77 10.49
C SER B 21 -21.56 5.70 11.55
N PRO B 22 -22.38 5.68 12.60
CA PRO B 22 -22.28 4.58 13.58
C PRO B 22 -22.44 3.21 12.97
N ASP B 23 -23.09 3.08 11.81
CA ASP B 23 -23.30 1.78 11.19
C ASP B 23 -22.24 1.44 10.13
N ALA B 24 -21.15 2.20 10.07
CA ALA B 24 -20.01 1.86 9.23
C ALA B 24 -18.92 1.24 10.10
N PHE B 25 -18.07 0.41 9.48
CA PHE B 25 -16.92 -0.14 10.18
C PHE B 25 -15.64 0.43 9.59
N VAL B 26 -14.89 1.10 10.44
CA VAL B 26 -13.56 1.61 10.11
C VAL B 26 -12.59 0.76 10.91
N HIS B 27 -11.76 -0.02 10.24
CA HIS B 27 -10.76 -0.76 11.00
C HIS B 27 -9.89 0.22 11.77
N PRO B 28 -9.52 -0.10 13.02
CA PRO B 28 -8.72 0.84 13.81
C PRO B 28 -7.36 1.19 13.21
N THR B 29 -6.84 0.44 12.24
CA THR B 29 -5.58 0.81 11.59
C THR B 29 -5.78 1.56 10.27
N ALA B 30 -7.02 1.92 9.91
CA ALA B 30 -7.23 2.85 8.81
C ALA B 30 -6.93 4.28 9.28
N VAL B 31 -6.83 5.21 8.33
CA VAL B 31 -6.61 6.61 8.69
C VAL B 31 -7.63 7.48 7.96
N LEU B 32 -8.37 8.27 8.72
CA LEU B 32 -9.30 9.26 8.20
C LEU B 32 -8.78 10.64 8.57
N ILE B 33 -8.53 11.48 7.57
CA ILE B 33 -7.99 12.81 7.80
C ILE B 33 -8.93 13.84 7.20
N GLY B 34 -9.40 14.77 8.04
CA GLY B 34 -10.04 15.97 7.52
C GLY B 34 -11.45 15.75 7.08
N ASP B 35 -11.77 16.23 5.89
CA ASP B 35 -13.16 16.29 5.42
C ASP B 35 -13.54 14.98 4.71
N VAL B 36 -13.60 13.93 5.51
CA VAL B 36 -14.03 12.59 5.10
C VAL B 36 -15.41 12.35 5.68
N ILE B 37 -16.34 11.88 4.87
CA ILE B 37 -17.69 11.53 5.35
C ILE B 37 -17.98 10.09 4.97
N ILE B 38 -18.28 9.26 5.98
CA ILE B 38 -18.53 7.84 5.79
C ILE B 38 -19.98 7.55 6.13
N GLU B 39 -20.75 7.09 5.15
CA GLU B 39 -22.15 6.77 5.38
C GLU B 39 -22.30 5.35 5.89
N ALA B 40 -23.53 4.94 6.17
CA ALA B 40 -23.78 3.67 6.84
C ALA B 40 -23.39 2.47 5.97
N GLY B 41 -23.08 1.36 6.63
CA GLY B 41 -22.80 0.12 5.93
C GLY B 41 -21.43 0.03 5.31
N VAL B 42 -20.62 1.11 5.37
CA VAL B 42 -19.33 1.13 4.71
C VAL B 42 -18.33 0.29 5.50
N TYR B 43 -17.47 -0.41 4.79
CA TYR B 43 -16.33 -1.10 5.39
C TYR B 43 -15.07 -0.39 4.95
N VAL B 44 -14.26 0.02 5.91
CA VAL B 44 -12.93 0.56 5.65
C VAL B 44 -11.91 -0.42 6.25
N GLY B 45 -11.07 -0.98 5.40
CA GLY B 45 -10.14 -1.99 5.83
C GLY B 45 -8.80 -1.46 6.31
N PRO B 46 -7.92 -2.37 6.70
CA PRO B 46 -6.64 -1.96 7.27
C PRO B 46 -5.82 -1.09 6.33
N PHE B 47 -5.24 -0.02 6.89
CA PHE B 47 -4.27 0.85 6.21
C PHE B 47 -4.88 1.59 5.03
N ALA B 48 -6.20 1.71 5.01
CA ALA B 48 -6.85 2.61 4.08
C ALA B 48 -6.62 4.03 4.56
N SER B 49 -6.12 4.89 3.67
CA SER B 49 -5.89 6.29 3.99
C SER B 49 -6.95 7.09 3.26
N LEU B 50 -7.91 7.62 4.00
CA LEU B 50 -8.93 8.51 3.45
C LEU B 50 -8.47 9.89 3.89
N ARG B 51 -7.68 10.52 3.03
CA ARG B 51 -6.97 11.74 3.39
C ARG B 51 -7.65 12.93 2.72
N ALA B 52 -8.48 13.63 3.48
CA ALA B 52 -9.16 14.83 2.98
C ALA B 52 -8.50 16.07 3.59
N ASP B 53 -7.22 16.30 3.27
CA ASP B 53 -6.52 17.47 3.80
C ASP B 53 -6.39 18.59 2.78
N PHE B 54 -6.76 18.35 1.52
CA PHE B 54 -6.85 19.38 0.50
C PHE B 54 -8.27 19.57 -0.02
N GLY B 55 -9.08 18.51 -0.05
CA GLY B 55 -10.44 18.55 -0.53
C GLY B 55 -11.38 17.69 0.28
N ARG B 56 -12.48 17.24 -0.32
CA ARG B 56 -13.48 16.43 0.37
C ARG B 56 -13.45 14.99 -0.15
N ILE B 57 -13.75 14.05 0.75
CA ILE B 57 -13.99 12.66 0.38
C ILE B 57 -15.34 12.21 0.95
N HIS B 58 -16.20 11.66 0.11
CA HIS B 58 -17.48 11.14 0.55
C HIS B 58 -17.60 9.68 0.12
N ILE B 59 -17.76 8.78 1.10
CA ILE B 59 -17.97 7.36 0.83
C ILE B 59 -19.43 7.08 1.14
N ASN B 60 -20.23 6.82 0.11
CA ASN B 60 -21.66 6.64 0.26
C ASN B 60 -21.96 5.25 0.83
N GLN B 61 -23.22 4.98 1.13
CA GLN B 61 -23.55 3.84 1.98
C GLN B 61 -23.26 2.52 1.28
N ASN B 62 -22.86 1.54 2.09
CA ASN B 62 -22.67 0.17 1.65
C ASN B 62 -21.53 0.03 0.65
N ALA B 63 -20.63 1.00 0.63
CA ALA B 63 -19.39 0.89 -0.12
C ALA B 63 -18.33 0.25 0.78
N ASN B 64 -17.24 -0.19 0.16
CA ASN B 64 -16.12 -0.72 0.92
C ASN B 64 -14.81 -0.22 0.35
N ILE B 65 -13.88 0.13 1.24
CA ILE B 65 -12.53 0.55 0.91
C ILE B 65 -11.58 -0.47 1.50
N GLN B 66 -10.77 -1.11 0.65
CA GLN B 66 -10.01 -2.26 1.10
C GLN B 66 -8.58 -1.90 1.49
N ASP B 67 -7.78 -2.93 1.76
CA ASP B 67 -6.53 -2.77 2.47
C ASP B 67 -5.56 -1.90 1.69
N SER B 68 -4.94 -0.97 2.41
CA SER B 68 -3.90 -0.10 1.85
C SER B 68 -4.38 0.62 0.61
N CYS B 69 -5.69 0.80 0.48
CA CYS B 69 -6.24 1.73 -0.49
C CYS B 69 -5.93 3.16 -0.03
N THR B 70 -5.84 4.07 -1.00
CA THR B 70 -5.65 5.47 -0.68
C THR B 70 -6.70 6.30 -1.42
N VAL B 71 -7.37 7.20 -0.70
CA VAL B 71 -8.28 8.16 -1.29
C VAL B 71 -7.74 9.56 -0.99
N HIS B 72 -7.45 10.31 -2.05
CA HIS B 72 -6.92 11.65 -1.89
C HIS B 72 -7.38 12.52 -3.05
N GLY B 73 -7.03 13.80 -3.00
CA GLY B 73 -7.38 14.72 -4.07
C GLY B 73 -6.69 16.05 -3.88
N PHE B 74 -6.77 16.86 -4.95
CA PHE B 74 -6.21 18.21 -4.98
C PHE B 74 -7.03 19.19 -4.16
N PRO B 75 -6.49 20.38 -3.90
CA PRO B 75 -7.25 21.44 -3.23
C PRO B 75 -8.60 21.68 -3.91
N GLN B 76 -9.63 21.82 -3.09
CA GLN B 76 -10.99 22.06 -3.52
C GLN B 76 -11.59 20.90 -4.31
N SER B 77 -10.94 19.75 -4.31
CA SER B 77 -11.44 18.59 -5.02
C SER B 77 -12.55 17.92 -4.23
N VAL B 78 -13.37 17.15 -4.95
CA VAL B 78 -14.36 16.27 -4.35
C VAL B 78 -14.11 14.87 -4.90
N THR B 79 -13.75 13.94 -4.03
CA THR B 79 -13.61 12.54 -4.40
C THR B 79 -14.81 11.77 -3.86
N LEU B 80 -15.55 11.10 -4.74
CA LEU B 80 -16.81 10.47 -4.38
C LEU B 80 -16.82 8.99 -4.74
N VAL B 81 -17.20 8.15 -3.78
CA VAL B 81 -17.56 6.75 -4.04
C VAL B 81 -19.06 6.64 -3.80
N GLU B 82 -19.82 6.31 -4.83
CA GLU B 82 -21.24 6.21 -4.61
C GLU B 82 -21.57 4.86 -3.95
N GLU B 83 -22.85 4.62 -3.60
CA GLU B 83 -23.13 3.50 -2.71
C GLU B 83 -22.75 2.19 -3.41
N MET B 84 -22.34 1.20 -2.61
CA MET B 84 -21.89 -0.10 -3.11
C MET B 84 -20.73 -0.02 -4.10
N GLY B 85 -20.04 1.13 -4.10
CA GLY B 85 -18.72 1.17 -4.70
C GLY B 85 -17.77 0.26 -3.94
N HIS B 86 -16.95 -0.45 -4.69
CA HIS B 86 -16.21 -1.62 -4.21
C HIS B 86 -14.76 -1.41 -4.65
N ILE B 87 -13.93 -0.94 -3.71
CA ILE B 87 -12.59 -0.45 -4.02
C ILE B 87 -11.59 -1.51 -3.59
N GLY B 88 -10.99 -2.18 -4.56
CA GLY B 88 -10.15 -3.32 -4.26
C GLY B 88 -8.82 -2.95 -3.62
N HIS B 89 -8.23 -3.95 -2.95
CA HIS B 89 -6.93 -3.85 -2.30
C HIS B 89 -5.95 -2.99 -3.09
N GLY B 90 -5.38 -1.99 -2.42
CA GLY B 90 -4.31 -1.21 -3.01
C GLY B 90 -4.72 -0.21 -4.05
N ALA B 91 -6.00 -0.13 -4.42
CA ALA B 91 -6.42 0.87 -5.40
C ALA B 91 -6.23 2.28 -4.84
N ILE B 92 -6.01 3.22 -5.76
CA ILE B 92 -5.78 4.61 -5.42
C ILE B 92 -6.81 5.47 -6.17
N LEU B 93 -7.63 6.21 -5.43
CA LEU B 93 -8.65 7.09 -6.00
C LEU B 93 -8.21 8.53 -5.83
N HIS B 94 -8.05 9.26 -6.93
CA HIS B 94 -7.56 10.63 -6.84
C HIS B 94 -8.53 11.62 -7.50
N GLY B 95 -9.26 12.36 -6.68
CA GLY B 95 -10.17 13.39 -7.18
C GLY B 95 -11.13 12.89 -8.23
N CYS B 96 -11.61 11.66 -8.08
CA CYS B 96 -12.39 11.03 -9.13
C CYS B 96 -13.79 10.74 -8.62
N ARG B 97 -14.63 10.24 -9.51
CA ARG B 97 -15.99 9.86 -9.13
C ARG B 97 -16.24 8.38 -9.46
N ILE B 98 -16.53 7.59 -8.43
CA ILE B 98 -16.83 6.17 -8.61
C ILE B 98 -18.35 6.01 -8.55
N GLY B 99 -18.94 5.65 -9.68
CA GLY B 99 -20.39 5.52 -9.77
C GLY B 99 -20.95 4.38 -8.94
N LYS B 100 -22.28 4.43 -8.77
CA LYS B 100 -22.98 3.44 -7.97
C LYS B 100 -22.57 2.03 -8.37
N ASN B 101 -22.25 1.21 -7.38
CA ASN B 101 -22.07 -0.23 -7.56
C ASN B 101 -20.90 -0.57 -8.49
N VAL B 102 -19.91 0.29 -8.54
CA VAL B 102 -18.75 0.05 -9.37
C VAL B 102 -17.76 -0.84 -8.62
N LEU B 103 -16.96 -1.59 -9.37
CA LEU B 103 -15.86 -2.36 -8.80
C LEU B 103 -14.55 -1.81 -9.35
N VAL B 104 -13.68 -1.35 -8.44
CA VAL B 104 -12.35 -0.86 -8.81
C VAL B 104 -11.34 -1.96 -8.44
N GLY B 105 -10.77 -2.59 -9.46
CA GLY B 105 -9.88 -3.71 -9.22
C GLY B 105 -8.65 -3.34 -8.41
N MET B 106 -8.06 -4.37 -7.79
CA MET B 106 -6.94 -4.16 -6.90
C MET B 106 -5.79 -3.48 -7.62
N ASN B 107 -5.11 -2.62 -6.88
CA ASN B 107 -3.90 -1.96 -7.35
C ASN B 107 -4.17 -1.06 -8.53
N SER B 108 -5.40 -0.62 -8.71
CA SER B 108 -5.70 0.27 -9.82
C SER B 108 -5.62 1.72 -9.35
N VAL B 109 -5.41 2.61 -10.32
CA VAL B 109 -5.28 4.04 -10.07
C VAL B 109 -6.35 4.76 -10.87
N ILE B 110 -7.17 5.54 -10.20
CA ILE B 110 -8.21 6.35 -10.84
C ILE B 110 -7.85 7.80 -10.62
N LEU B 111 -7.51 8.51 -11.69
CA LEU B 111 -6.96 9.87 -11.61
C LEU B 111 -8.07 10.93 -11.64
N ASP B 112 -7.63 12.18 -11.50
CA ASP B 112 -8.52 13.26 -11.12
C ASP B 112 -9.54 13.57 -12.19
N TYR B 113 -10.77 13.83 -11.76
CA TYR B 113 -11.86 14.18 -12.64
C TYR B 113 -12.34 13.00 -13.46
N ALA B 114 -11.73 11.82 -13.35
CA ALA B 114 -12.25 10.65 -14.01
C ALA B 114 -13.56 10.26 -13.35
N GLU B 115 -14.46 9.68 -14.16
CA GLU B 115 -15.74 9.18 -13.69
C GLU B 115 -15.95 7.77 -14.22
N ILE B 116 -16.46 6.89 -13.37
CA ILE B 116 -16.77 5.52 -13.75
C ILE B 116 -18.27 5.34 -13.68
N GLY B 117 -18.89 5.02 -14.82
CA GLY B 117 -20.33 4.83 -14.83
C GLY B 117 -20.76 3.69 -13.94
N GLU B 118 -22.05 3.70 -13.59
CA GLU B 118 -22.59 2.74 -12.64
C GLU B 118 -22.38 1.31 -13.14
N ASN B 119 -22.20 0.39 -12.20
CA ASN B 119 -21.96 -1.03 -12.40
C ASN B 119 -20.68 -1.46 -13.12
N THR B 120 -19.94 -0.54 -13.65
CA THR B 120 -18.73 -0.84 -14.38
C THR B 120 -17.62 -1.50 -13.55
N ILE B 121 -16.88 -2.39 -14.16
CA ILE B 121 -15.78 -3.04 -13.51
C ILE B 121 -14.47 -2.65 -14.11
N ILE B 122 -13.56 -2.13 -13.30
CA ILE B 122 -12.20 -1.82 -13.72
C ILE B 122 -11.29 -2.97 -13.29
N GLY B 123 -10.58 -3.56 -14.25
CA GLY B 123 -9.69 -4.64 -13.93
C GLY B 123 -8.54 -4.21 -13.03
N ALA B 124 -7.98 -5.21 -12.36
CA ALA B 124 -6.85 -5.01 -11.46
C ALA B 124 -5.68 -4.40 -12.21
N ASN B 125 -4.86 -3.66 -11.49
CA ASN B 125 -3.62 -3.18 -12.09
C ASN B 125 -3.85 -2.24 -13.24
N SER B 126 -5.00 -1.58 -13.32
CA SER B 126 -5.29 -0.67 -14.42
C SER B 126 -5.07 0.77 -14.00
N LEU B 127 -5.04 1.66 -14.99
CA LEU B 127 -4.87 3.08 -14.74
C LEU B 127 -5.86 3.82 -15.61
N VAL B 128 -6.78 4.54 -14.98
CA VAL B 128 -7.77 5.35 -15.67
C VAL B 128 -7.22 6.77 -15.75
N LYS B 129 -6.95 7.24 -16.97
CA LYS B 129 -6.36 8.55 -17.18
C LYS B 129 -7.20 9.64 -16.56
N THR B 130 -6.55 10.76 -16.27
CA THR B 130 -7.23 11.94 -15.75
C THR B 130 -8.32 12.38 -16.72
N LYS B 131 -9.47 12.76 -16.19
CA LYS B 131 -10.63 13.27 -16.91
C LYS B 131 -11.36 12.22 -17.75
N ASP B 132 -10.90 10.97 -17.76
CA ASP B 132 -11.58 9.92 -18.53
C ASP B 132 -12.98 9.64 -17.98
N ILE B 133 -13.95 9.50 -18.87
CA ILE B 133 -15.31 9.18 -18.46
C ILE B 133 -15.64 7.80 -19.02
N ILE B 134 -15.75 6.82 -18.13
CA ILE B 134 -16.01 5.44 -18.51
C ILE B 134 -17.51 5.19 -18.38
N PRO B 135 -18.18 4.72 -19.41
CA PRO B 135 -19.63 4.52 -19.33
C PRO B 135 -19.98 3.42 -18.34
N ALA B 136 -21.28 3.35 -18.07
CA ALA B 136 -21.84 2.40 -17.14
C ALA B 136 -21.81 0.99 -17.75
N ASN B 137 -21.85 -0.01 -16.87
CA ASN B 137 -22.12 -1.40 -17.27
C ASN B 137 -21.07 -1.96 -18.23
N VAL B 138 -19.80 -1.58 -18.11
CA VAL B 138 -18.78 -2.20 -18.96
C VAL B 138 -17.63 -2.71 -18.09
N LEU B 139 -16.78 -3.52 -18.72
CA LEU B 139 -15.49 -3.89 -18.17
C LEU B 139 -14.46 -3.04 -18.89
N ALA B 140 -13.63 -2.35 -18.12
CA ALA B 140 -12.53 -1.59 -18.67
C ALA B 140 -11.28 -1.99 -17.88
N MET B 141 -10.16 -2.14 -18.58
CA MET B 141 -8.93 -2.55 -17.91
C MET B 141 -7.74 -2.07 -18.73
N GLY B 142 -6.56 -2.25 -18.17
CA GLY B 142 -5.35 -1.84 -18.86
C GLY B 142 -4.81 -0.53 -18.31
N SER B 143 -3.65 -0.13 -18.83
CA SER B 143 -2.94 1.02 -18.32
C SER B 143 -2.27 1.78 -19.45
N PRO B 144 -2.97 2.78 -20.03
CA PRO B 144 -4.24 3.29 -19.54
C PRO B 144 -5.41 2.37 -19.91
N ALA B 145 -6.45 2.40 -19.08
CA ALA B 145 -7.57 1.47 -19.25
C ALA B 145 -8.43 1.84 -20.45
N LYS B 146 -8.94 0.81 -21.13
CA LYS B 146 -9.83 0.97 -22.25
C LYS B 146 -11.02 0.03 -22.06
N VAL B 147 -12.20 0.44 -22.57
CA VAL B 147 -13.37 -0.43 -22.44
C VAL B 147 -13.10 -1.70 -23.22
N ALA B 148 -13.41 -2.84 -22.62
CA ALA B 148 -13.22 -4.12 -23.31
C ALA B 148 -14.52 -4.67 -23.87
N ARG B 149 -15.62 -4.49 -23.14
CA ARG B 149 -16.92 -5.02 -23.57
C ARG B 149 -18.01 -4.68 -22.56
N ASP B 150 -19.23 -5.03 -22.88
CA ASP B 150 -20.30 -4.92 -21.90
C ASP B 150 -20.10 -6.00 -20.83
N LEU B 151 -20.53 -5.69 -19.62
CA LEU B 151 -20.62 -6.70 -18.57
C LEU B 151 -21.79 -7.62 -18.85
N SER B 152 -21.62 -8.91 -18.55
CA SER B 152 -22.77 -9.80 -18.65
C SER B 152 -23.61 -9.74 -17.38
N GLU B 153 -24.85 -10.24 -17.49
CA GLU B 153 -25.72 -10.28 -16.32
C GLU B 153 -25.14 -11.18 -15.25
N GLN B 154 -24.44 -12.24 -15.65
CA GLN B 154 -23.73 -13.07 -14.70
C GLN B 154 -22.72 -12.26 -13.89
N GLU B 155 -21.85 -11.51 -14.58
CA GLU B 155 -20.83 -10.75 -13.86
C GLU B 155 -21.47 -9.73 -12.92
N LYS B 156 -22.54 -9.07 -13.38
CA LYS B 156 -23.14 -8.05 -12.54
C LYS B 156 -23.68 -8.65 -11.25
N LYS B 157 -24.34 -9.80 -11.35
CA LYS B 157 -24.82 -10.48 -10.16
C LYS B 157 -23.65 -10.95 -9.28
N TRP B 158 -22.54 -11.35 -9.88
CA TRP B 158 -21.42 -11.76 -9.10
C TRP B 158 -20.90 -10.61 -8.30
N LYS B 159 -20.73 -9.48 -8.96
CA LYS B 159 -20.22 -8.29 -8.29
C LYS B 159 -21.05 -7.96 -7.07
N THR B 160 -22.37 -7.91 -7.24
CA THR B 160 -23.27 -7.64 -6.13
C THR B 160 -23.06 -8.62 -5.00
N ARG B 161 -23.02 -9.90 -5.35
CA ARG B 161 -22.58 -10.89 -4.38
C ARG B 161 -21.31 -10.46 -3.61
N GLY B 162 -20.17 -10.19 -4.25
CA GLY B 162 -19.00 -9.70 -3.52
C GLY B 162 -19.30 -8.49 -2.64
N THR B 163 -19.91 -7.44 -3.22
CA THR B 163 -20.23 -6.26 -2.42
C THR B 163 -21.17 -6.59 -1.24
N GLN B 164 -22.16 -7.47 -1.46
CA GLN B 164 -23.08 -7.82 -0.38
C GLN B 164 -22.28 -8.43 0.78
N GLU B 165 -21.29 -9.27 0.43
CA GLU B 165 -20.42 -9.90 1.41
C GLU B 165 -19.63 -8.89 2.23
N TYR B 166 -19.18 -7.81 1.59
CA TYR B 166 -18.47 -6.78 2.35
C TYR B 166 -19.44 -6.03 3.25
N MET B 167 -20.67 -5.84 2.80
CA MET B 167 -21.68 -5.26 3.67
C MET B 167 -21.85 -6.10 4.93
N GLU B 168 -21.91 -7.42 4.76
CA GLU B 168 -21.96 -8.32 5.91
C GLU B 168 -20.69 -8.23 6.74
N LEU B 169 -19.53 -8.09 6.08
CA LEU B 169 -18.27 -8.00 6.79
C LEU B 169 -18.26 -6.82 7.76
N ALA B 170 -18.77 -5.67 7.34
CA ALA B 170 -18.84 -4.53 8.24
C ALA B 170 -19.60 -4.91 9.50
N GLN B 171 -20.76 -5.55 9.33
CA GLN B 171 -21.56 -5.95 10.49
C GLN B 171 -20.81 -6.98 11.32
N ARG B 172 -20.24 -7.99 10.67
CA ARG B 172 -19.45 -8.97 11.43
C ARG B 172 -18.37 -8.27 12.24
N CYS B 173 -17.73 -7.25 11.66
CA CYS B 173 -16.62 -6.58 12.33
C CYS B 173 -17.11 -5.71 13.49
N LEU B 174 -18.23 -5.01 13.30
CA LEU B 174 -18.82 -4.30 14.43
C LEU B 174 -19.22 -5.26 15.55
N ASN B 175 -19.68 -6.46 15.19
CA ASN B 175 -20.19 -7.39 16.20
C ASN B 175 -19.05 -8.13 16.93
N SER B 176 -17.97 -8.50 16.23
CA SER B 176 -17.05 -9.46 16.83
C SER B 176 -15.57 -9.19 16.64
N MET B 177 -15.15 -8.21 15.84
CA MET B 177 -13.72 -8.02 15.65
C MET B 177 -13.08 -7.41 16.90
N GLN B 178 -11.99 -8.00 17.35
CA GLN B 178 -11.30 -7.46 18.53
C GLN B 178 -9.83 -7.87 18.52
N GLU B 179 -9.02 -7.06 19.20
CA GLU B 179 -7.62 -7.38 19.40
C GLU B 179 -7.52 -8.63 20.26
N VAL B 180 -6.59 -9.53 19.91
CA VAL B 180 -6.35 -10.72 20.73
C VAL B 180 -4.88 -11.08 20.66
N GLN B 181 -4.42 -11.76 21.69
CA GLN B 181 -3.17 -12.47 21.58
C GLN B 181 -3.34 -13.61 20.59
N PRO B 182 -2.40 -13.81 19.67
CA PRO B 182 -2.49 -14.96 18.77
C PRO B 182 -2.18 -16.25 19.54
N LEU B 183 -2.51 -17.39 18.95
CA LEU B 183 -2.17 -18.64 19.54
C LEU B 183 -0.75 -18.94 19.09
N SER B 184 -0.03 -19.70 19.88
CA SER B 184 1.33 -20.03 19.57
C SER B 184 1.47 -21.20 18.62
N SER B 185 0.43 -21.99 18.50
CA SER B 185 0.40 -22.97 17.46
C SER B 185 -1.01 -23.34 17.12
N GLU B 186 -1.16 -24.10 16.04
CA GLU B 186 -2.47 -24.64 15.71
C GLU B 186 -2.90 -25.65 16.77
N SER B 187 -4.20 -25.73 16.97
CA SER B 187 -4.77 -26.69 17.90
C SER B 187 -5.88 -27.44 17.19
N ASP B 188 -6.24 -28.59 17.74
CA ASP B 188 -7.25 -29.42 17.08
C ASP B 188 -8.63 -28.79 17.15
N ASP B 189 -8.89 -27.97 18.17
CA ASP B 189 -10.22 -27.50 18.51
C ASP B 189 -10.44 -26.02 18.22
N ARG B 190 -9.44 -25.31 17.71
CA ARG B 190 -9.59 -23.89 17.45
C ARG B 190 -10.61 -23.64 16.32
N LEU B 191 -11.36 -22.55 16.47
CA LEU B 191 -12.22 -22.11 15.39
C LEU B 191 -11.36 -21.80 14.18
N THR B 192 -11.96 -21.97 12.99
CA THR B 192 -11.28 -21.80 11.72
C THR B 192 -12.21 -21.05 10.78
N TYR B 193 -11.71 -20.78 9.57
CA TYR B 193 -12.53 -20.12 8.57
C TYR B 193 -13.80 -20.92 8.24
N LYS B 194 -13.80 -22.24 8.46
CA LYS B 194 -15.06 -22.98 8.31
C LYS B 194 -16.10 -22.53 9.33
N ASP B 195 -15.70 -21.80 10.35
CA ASP B 195 -16.63 -21.34 11.34
C ASP B 195 -17.20 -20.00 11.02
N PHE B 196 -16.88 -19.49 9.84
CA PHE B 196 -17.37 -18.18 9.45
C PHE B 196 -18.87 -18.11 9.19
N SER B 197 -19.50 -17.19 9.92
CA SER B 197 -20.93 -16.93 9.86
C SER B 197 -21.49 -16.92 8.43
N HIS C 8 5.71 9.90 17.45
CA HIS C 8 6.77 9.51 16.53
C HIS C 8 7.04 8.02 16.50
N PRO C 9 6.59 7.37 15.45
CA PRO C 9 6.68 5.92 15.24
C PRO C 9 8.00 5.43 14.68
N CYS C 10 9.03 5.40 15.51
CA CYS C 10 10.32 4.97 15.04
C CYS C 10 10.74 3.69 15.69
N TYR C 11 11.46 2.87 14.96
CA TYR C 11 12.02 1.65 15.50
C TYR C 11 13.50 1.59 15.20
N SER C 12 14.29 1.20 16.19
CA SER C 12 15.68 0.87 15.94
C SER C 12 15.80 -0.60 15.54
N ILE C 13 16.87 -0.91 14.83
CA ILE C 13 17.30 -2.29 14.63
C ILE C 13 18.81 -2.32 14.67
N ASP C 14 19.35 -3.35 15.34
CA ASP C 14 20.78 -3.43 15.65
C ASP C 14 21.25 -2.13 16.31
N GLY C 15 20.38 -1.56 17.15
CA GLY C 15 20.71 -0.32 17.84
C GLY C 15 20.79 0.91 16.96
N VAL C 16 20.34 0.85 15.71
CA VAL C 16 20.36 1.99 14.80
C VAL C 16 19.01 2.71 14.87
N ILE C 17 19.06 4.02 15.06
CA ILE C 17 17.90 4.82 15.44
C ILE C 17 17.65 5.86 14.34
N PRO C 18 16.43 5.97 13.83
CA PRO C 18 16.13 7.03 12.85
C PRO C 18 16.42 8.44 13.36
N VAL C 19 16.71 9.34 12.42
CA VAL C 19 16.95 10.75 12.69
C VAL C 19 15.85 11.54 11.99
N VAL C 20 15.08 12.30 12.76
CA VAL C 20 13.96 13.07 12.22
C VAL C 20 14.09 14.53 12.67
N SER C 21 14.24 15.43 11.72
CA SER C 21 14.29 16.84 12.06
C SER C 21 13.07 17.22 12.89
N PRO C 22 13.20 18.13 13.86
CA PRO C 22 12.00 18.62 14.56
C PRO C 22 11.05 19.38 13.65
N ASP C 23 11.51 19.83 12.48
CA ASP C 23 10.68 20.59 11.55
C ASP C 23 10.14 19.73 10.41
N ALA C 24 10.33 18.42 10.47
CA ALA C 24 9.65 17.50 9.58
C ALA C 24 8.38 17.00 10.25
N PHE C 25 7.39 16.65 9.44
CA PHE C 25 6.19 16.00 9.94
C PHE C 25 6.13 14.56 9.48
N VAL C 26 6.05 13.64 10.42
CA VAL C 26 5.89 12.22 10.17
C VAL C 26 4.56 11.82 10.77
N HIS C 27 3.62 11.39 9.93
CA HIS C 27 2.34 11.00 10.47
C HIS C 27 2.55 9.88 11.50
N PRO C 28 1.77 9.87 12.59
CA PRO C 28 2.02 8.85 13.63
C PRO C 28 1.86 7.42 13.14
N THR C 29 1.23 7.19 11.98
CA THR C 29 1.08 5.83 11.46
C THR C 29 2.08 5.48 10.38
N ALA C 30 3.02 6.36 10.09
CA ALA C 30 4.18 5.97 9.32
C ALA C 30 5.04 5.05 10.17
N VAL C 31 5.99 4.39 9.51
CA VAL C 31 6.99 3.58 10.20
C VAL C 31 8.35 3.97 9.67
N LEU C 32 9.24 4.32 10.58
CA LEU C 32 10.64 4.57 10.29
C LEU C 32 11.45 3.50 10.99
N ILE C 33 12.25 2.74 10.25
CA ILE C 33 13.06 1.68 10.82
C ILE C 33 14.52 1.91 10.49
N GLY C 34 15.36 1.92 11.50
CA GLY C 34 16.80 1.85 11.28
C GLY C 34 17.38 3.16 10.82
N ASP C 35 18.21 3.11 9.77
CA ASP C 35 19.05 4.25 9.39
C ASP C 35 18.31 5.12 8.37
N VAL C 36 17.21 5.70 8.84
CA VAL C 36 16.44 6.68 8.07
C VAL C 36 16.83 8.04 8.59
N ILE C 37 17.08 8.98 7.68
CA ILE C 37 17.42 10.35 8.05
C ILE C 37 16.44 11.26 7.33
N ILE C 38 15.58 11.94 8.09
CA ILE C 38 14.59 12.85 7.54
C ILE C 38 15.01 14.27 7.89
N GLU C 39 15.02 15.15 6.90
CA GLU C 39 15.44 16.51 7.10
C GLU C 39 14.24 17.43 7.19
N ALA C 40 14.51 18.71 7.39
CA ALA C 40 13.50 19.69 7.73
C ALA C 40 12.44 19.85 6.63
N GLY C 41 11.21 20.13 7.04
CA GLY C 41 10.15 20.38 6.09
C GLY C 41 9.59 19.17 5.37
N VAL C 42 10.17 17.98 5.56
CA VAL C 42 9.64 16.80 4.91
C VAL C 42 8.26 16.47 5.47
N TYR C 43 7.37 15.99 4.61
CA TYR C 43 6.10 15.41 5.02
C TYR C 43 6.10 13.91 4.73
N VAL C 44 5.77 13.10 5.72
CA VAL C 44 5.66 11.66 5.54
C VAL C 44 4.25 11.25 5.95
N GLY C 45 3.54 10.62 5.01
CA GLY C 45 2.13 10.38 5.16
C GLY C 45 1.80 9.05 5.79
N PRO C 46 0.50 8.81 5.96
CA PRO C 46 0.04 7.57 6.61
C PRO C 46 0.58 6.31 5.93
N PHE C 47 1.06 5.39 6.76
CA PHE C 47 1.51 4.06 6.35
C PHE C 47 2.68 4.10 5.37
N ALA C 48 3.43 5.20 5.33
CA ALA C 48 4.69 5.17 4.60
C ALA C 48 5.67 4.34 5.42
N SER C 49 6.32 3.38 4.76
CA SER C 49 7.33 2.57 5.42
C SER C 49 8.69 3.00 4.89
N LEU C 50 9.48 3.66 5.72
CA LEU C 50 10.87 3.98 5.39
C LEU C 50 11.71 2.98 6.16
N ARG C 51 12.07 1.89 5.50
CA ARG C 51 12.69 0.74 6.17
C ARG C 51 14.14 0.69 5.79
N ALA C 52 14.99 1.23 6.67
CA ALA C 52 16.43 1.19 6.48
C ALA C 52 17.04 0.11 7.37
N ASP C 53 16.68 -1.14 7.09
CA ASP C 53 17.20 -2.25 7.90
C ASP C 53 18.34 -3.00 7.21
N PHE C 54 18.59 -2.73 5.95
CA PHE C 54 19.74 -3.25 5.25
C PHE C 54 20.68 -2.17 4.80
N GLY C 55 20.16 -1.00 4.46
CA GLY C 55 20.95 0.13 4.04
C GLY C 55 20.42 1.42 4.62
N ARG C 56 20.82 2.55 4.05
CA ARG C 56 20.47 3.88 4.53
C ARG C 56 19.36 4.49 3.67
N ILE C 57 18.49 5.25 4.32
CA ILE C 57 17.49 6.07 3.62
C ILE C 57 17.70 7.52 4.02
N HIS C 58 17.86 8.40 3.03
CA HIS C 58 18.01 9.83 3.26
C HIS C 58 16.92 10.59 2.52
N ILE C 59 16.11 11.33 3.26
CA ILE C 59 15.03 12.14 2.71
C ILE C 59 15.37 13.60 2.95
N ASN C 60 15.73 14.31 1.87
CA ASN C 60 16.21 15.67 2.00
C ASN C 60 15.04 16.62 2.25
N GLN C 61 15.38 17.87 2.55
CA GLN C 61 14.38 18.80 3.09
C GLN C 61 13.32 19.14 2.04
N ASN C 62 12.14 19.48 2.55
CA ASN C 62 11.00 19.91 1.74
C ASN C 62 10.48 18.85 0.78
N ALA C 63 10.84 17.58 1.00
CA ALA C 63 10.33 16.46 0.23
C ALA C 63 9.11 15.87 0.93
N ASN C 64 8.35 15.06 0.19
CA ASN C 64 7.22 14.38 0.80
C ASN C 64 7.15 12.94 0.33
N ILE C 65 6.79 12.05 1.27
CA ILE C 65 6.53 10.65 0.99
C ILE C 65 5.08 10.38 1.35
N GLN C 66 4.28 9.97 0.36
CA GLN C 66 2.83 9.92 0.51
C GLN C 66 2.36 8.57 1.05
N ASP C 67 1.06 8.42 1.13
CA ASP C 67 0.40 7.27 1.69
C ASP C 67 0.81 5.91 1.17
N SER C 68 1.08 4.98 2.08
CA SER C 68 1.43 3.61 1.73
C SER C 68 2.61 3.54 0.78
N CYS C 69 3.44 4.58 0.79
CA CYS C 69 4.70 4.51 0.08
C CYS C 69 5.64 3.61 0.87
N THR C 70 6.54 2.94 0.14
CA THR C 70 7.57 2.14 0.75
C THR C 70 8.93 2.56 0.22
N VAL C 71 9.88 2.74 1.14
CA VAL C 71 11.27 2.98 0.79
C VAL C 71 12.12 1.88 1.42
N HIS C 72 12.97 1.26 0.62
CA HIS C 72 13.80 0.16 1.10
C HIS C 72 14.99 0.03 0.17
N GLY C 73 15.89 -0.88 0.49
CA GLY C 73 17.08 -1.08 -0.31
C GLY C 73 17.84 -2.27 0.20
N PHE C 74 18.74 -2.79 -0.63
CA PHE C 74 19.48 -4.00 -0.26
C PHE C 74 20.59 -3.66 0.71
N PRO C 75 21.30 -4.69 1.17
CA PRO C 75 22.40 -4.48 2.12
C PRO C 75 23.40 -3.45 1.60
N GLN C 76 23.76 -2.51 2.48
CA GLN C 76 24.73 -1.47 2.25
C GLN C 76 24.23 -0.41 1.25
N SER C 77 23.01 -0.54 0.72
CA SER C 77 22.47 0.45 -0.19
C SER C 77 22.25 1.79 0.51
N VAL C 78 22.29 2.88 -0.27
CA VAL C 78 21.86 4.18 0.20
C VAL C 78 20.75 4.65 -0.74
N THR C 79 19.53 4.71 -0.25
CA THR C 79 18.41 5.24 -1.00
C THR C 79 18.21 6.70 -0.66
N LEU C 80 18.11 7.54 -1.69
CA LEU C 80 18.18 8.99 -1.51
C LEU C 80 17.01 9.67 -2.19
N VAL C 81 16.25 10.45 -1.42
CA VAL C 81 15.29 11.40 -1.96
C VAL C 81 15.81 12.81 -1.71
N GLU C 82 16.17 13.50 -2.78
CA GLU C 82 16.74 14.84 -2.69
C GLU C 82 15.66 15.89 -2.40
N GLU C 83 16.10 17.13 -2.28
CA GLU C 83 15.23 18.21 -1.84
C GLU C 83 13.99 18.30 -2.71
N MET C 84 12.84 18.51 -2.08
CA MET C 84 11.59 18.68 -2.82
C MET C 84 11.24 17.47 -3.69
N GLY C 85 11.81 16.30 -3.38
CA GLY C 85 11.31 15.07 -3.98
C GLY C 85 9.87 14.80 -3.59
N HIS C 86 9.08 14.36 -4.56
CA HIS C 86 7.61 14.28 -4.46
C HIS C 86 7.17 12.86 -4.79
N ILE C 87 7.01 12.01 -3.78
CA ILE C 87 6.78 10.58 -3.96
C ILE C 87 5.29 10.30 -3.76
N GLY C 88 4.59 10.05 -4.86
CA GLY C 88 3.15 9.96 -4.82
C GLY C 88 2.66 8.68 -4.18
N HIS C 89 1.41 8.73 -3.70
CA HIS C 89 0.75 7.59 -3.06
C HIS C 89 1.18 6.25 -3.64
N GLY C 90 1.61 5.34 -2.76
CA GLY C 90 1.85 3.96 -3.12
C GLY C 90 3.06 3.70 -3.98
N ALA C 91 3.85 4.71 -4.30
CA ALA C 91 5.09 4.49 -5.02
C ALA C 91 6.08 3.76 -4.12
N ILE C 92 6.93 2.96 -4.75
CA ILE C 92 7.93 2.16 -4.05
C ILE C 92 9.30 2.50 -4.61
N LEU C 93 10.21 2.90 -3.73
CA LEU C 93 11.56 3.25 -4.12
C LEU C 93 12.50 2.22 -3.54
N HIS C 94 13.30 1.59 -4.39
CA HIS C 94 14.19 0.54 -3.90
C HIS C 94 15.63 0.84 -4.29
N GLY C 95 16.41 1.31 -3.32
CA GLY C 95 17.85 1.55 -3.53
C GLY C 95 18.16 2.46 -4.69
N CYS C 96 17.33 3.49 -4.91
CA CYS C 96 17.42 4.37 -6.06
C CYS C 96 17.80 5.77 -5.62
N ARG C 97 18.00 6.62 -6.62
CA ARG C 97 18.39 8.02 -6.46
C ARG C 97 17.30 8.93 -7.04
N ILE C 98 16.59 9.64 -6.18
CA ILE C 98 15.52 10.54 -6.62
C ILE C 98 16.06 11.97 -6.62
N GLY C 99 16.24 12.51 -7.82
CA GLY C 99 16.84 13.83 -7.96
C GLY C 99 15.99 14.94 -7.37
N LYS C 100 16.62 16.10 -7.25
CA LYS C 100 15.95 17.30 -6.75
C LYS C 100 14.65 17.53 -7.50
N ASN C 101 13.60 17.79 -6.74
CA ASN C 101 12.34 18.31 -7.28
C ASN C 101 11.69 17.35 -8.26
N VAL C 102 12.01 16.08 -8.16
CA VAL C 102 11.41 15.05 -9.00
C VAL C 102 10.01 14.71 -8.48
N LEU C 103 9.14 14.25 -9.38
CA LEU C 103 7.83 13.73 -9.00
C LEU C 103 7.76 12.26 -9.39
N VAL C 104 7.48 11.40 -8.43
CA VAL C 104 7.33 9.98 -8.72
C VAL C 104 5.84 9.67 -8.68
N GLY C 105 5.28 9.33 -9.84
CA GLY C 105 3.84 9.11 -9.92
C GLY C 105 3.36 8.04 -8.97
N MET C 106 2.11 8.17 -8.55
CA MET C 106 1.44 7.18 -7.70
C MET C 106 1.68 5.77 -8.21
N ASN C 107 1.86 4.87 -7.26
CA ASN C 107 1.91 3.44 -7.55
C ASN C 107 3.06 3.05 -8.48
N SER C 108 4.09 3.89 -8.57
CA SER C 108 5.25 3.57 -9.38
C SER C 108 6.30 2.82 -8.55
N VAL C 109 7.17 2.10 -9.26
CA VAL C 109 8.26 1.34 -8.68
C VAL C 109 9.56 1.85 -9.30
N ILE C 110 10.49 2.30 -8.44
CA ILE C 110 11.81 2.80 -8.86
C ILE C 110 12.87 1.87 -8.26
N LEU C 111 13.50 1.06 -9.11
CA LEU C 111 14.32 -0.05 -8.64
C LEU C 111 15.78 0.38 -8.42
N ASP C 112 16.65 -0.60 -8.14
CA ASP C 112 17.91 -0.29 -7.49
C ASP C 112 18.92 0.28 -8.47
N TYR C 113 19.65 1.29 -8.01
CA TYR C 113 20.60 2.04 -8.83
C TYR C 113 19.94 2.95 -9.83
N ALA C 114 18.62 2.86 -9.96
CA ALA C 114 17.93 3.83 -10.79
C ALA C 114 18.25 5.23 -10.30
N GLU C 115 18.40 6.15 -11.23
CA GLU C 115 18.56 7.57 -10.93
C GLU C 115 17.56 8.35 -11.76
N ILE C 116 16.83 9.26 -11.11
CA ILE C 116 15.92 10.18 -11.78
C ILE C 116 16.57 11.56 -11.75
N GLY C 117 16.87 12.12 -12.93
CA GLY C 117 17.40 13.47 -12.99
C GLY C 117 16.43 14.48 -12.42
N GLU C 118 16.95 15.65 -12.08
CA GLU C 118 16.16 16.62 -11.36
C GLU C 118 15.02 17.14 -12.22
N ASN C 119 13.94 17.54 -11.55
CA ASN C 119 12.70 18.11 -12.10
C ASN C 119 11.90 17.12 -12.94
N THR C 120 12.34 15.88 -13.07
CA THR C 120 11.65 14.97 -13.97
C THR C 120 10.38 14.44 -13.33
N ILE C 121 9.39 14.17 -14.19
CA ILE C 121 8.08 13.65 -13.76
C ILE C 121 7.96 12.21 -14.24
N ILE C 122 7.74 11.30 -13.30
CA ILE C 122 7.44 9.91 -13.60
C ILE C 122 5.92 9.73 -13.53
N GLY C 123 5.33 9.22 -14.61
CA GLY C 123 3.91 8.98 -14.62
C GLY C 123 3.50 7.91 -13.63
N ALA C 124 2.22 7.93 -13.27
CA ALA C 124 1.68 6.95 -12.33
C ALA C 124 1.79 5.55 -12.90
N ASN C 125 1.87 4.56 -12.01
CA ASN C 125 1.90 3.16 -12.39
C ASN C 125 3.12 2.81 -13.22
N SER C 126 4.21 3.56 -13.08
CA SER C 126 5.40 3.32 -13.87
C SER C 126 6.38 2.39 -13.15
N LEU C 127 7.25 1.75 -13.92
CA LEU C 127 8.33 0.92 -13.39
C LEU C 127 9.64 1.37 -14.01
N VAL C 128 10.55 1.87 -13.19
CA VAL C 128 11.90 2.26 -13.66
C VAL C 128 12.86 1.13 -13.33
N LYS C 129 13.42 0.51 -14.36
CA LYS C 129 14.23 -0.69 -14.20
C LYS C 129 15.54 -0.40 -13.45
N THR C 130 16.07 -1.46 -12.84
CA THR C 130 17.36 -1.39 -12.17
C THR C 130 18.40 -0.69 -13.02
N LYS C 131 19.20 0.16 -12.37
CA LYS C 131 20.35 0.88 -12.94
C LYS C 131 19.94 1.84 -14.06
N ASP C 132 18.66 2.01 -14.33
CA ASP C 132 18.23 2.97 -15.34
C ASP C 132 18.56 4.39 -14.90
N ILE C 133 19.14 5.17 -15.81
CA ILE C 133 19.38 6.60 -15.58
C ILE C 133 18.38 7.38 -16.44
N ILE C 134 17.38 7.96 -15.80
CA ILE C 134 16.40 8.77 -16.53
C ILE C 134 16.85 10.22 -16.46
N PRO C 135 16.94 10.93 -17.58
CA PRO C 135 17.51 12.29 -17.56
C PRO C 135 16.65 13.30 -16.83
N ALA C 136 17.17 14.52 -16.72
CA ALA C 136 16.48 15.59 -16.02
C ALA C 136 15.53 16.33 -16.95
N ASN C 137 14.41 16.79 -16.39
CA ASN C 137 13.51 17.71 -17.08
C ASN C 137 12.71 17.03 -18.18
N VAL C 138 12.31 15.77 -17.97
CA VAL C 138 11.52 15.03 -18.95
C VAL C 138 10.39 14.31 -18.25
N LEU C 139 9.42 13.89 -19.05
CA LEU C 139 8.30 13.09 -18.58
C LEU C 139 8.51 11.67 -19.09
N ALA C 140 8.48 10.71 -18.17
CA ALA C 140 8.73 9.31 -18.47
C ALA C 140 7.68 8.47 -17.77
N MET C 141 7.30 7.36 -18.39
CA MET C 141 6.12 6.62 -17.97
C MET C 141 6.13 5.27 -18.66
N GLY C 142 5.35 4.35 -18.12
CA GLY C 142 5.27 3.00 -18.65
C GLY C 142 5.96 2.01 -17.74
N SER C 143 5.77 0.73 -18.09
CA SER C 143 6.22 -0.38 -17.25
C SER C 143 6.69 -1.49 -18.18
N PRO C 144 7.97 -1.44 -18.61
CA PRO C 144 9.02 -0.54 -18.12
C PRO C 144 8.95 0.89 -18.67
N ALA C 145 9.25 1.86 -17.81
CA ALA C 145 9.14 3.27 -18.16
C ALA C 145 10.01 3.61 -19.35
N LYS C 146 9.65 4.70 -20.02
CA LYS C 146 10.43 5.19 -21.15
C LYS C 146 10.25 6.69 -21.25
N VAL C 147 11.35 7.40 -21.50
CA VAL C 147 11.25 8.83 -21.73
C VAL C 147 10.23 9.09 -22.83
N ALA C 148 9.40 10.11 -22.64
CA ALA C 148 8.37 10.47 -23.62
C ALA C 148 8.64 11.78 -24.33
N ARG C 149 9.17 12.77 -23.62
CA ARG C 149 9.35 14.11 -24.18
C ARG C 149 9.88 15.03 -23.10
N ASP C 150 10.24 16.24 -23.51
CA ASP C 150 10.65 17.25 -22.57
C ASP C 150 9.45 17.77 -21.79
N LEU C 151 9.73 18.42 -20.67
CA LEU C 151 8.71 19.00 -19.80
C LEU C 151 8.52 20.48 -20.12
N SER C 152 7.27 20.89 -20.31
CA SER C 152 6.97 22.29 -20.53
C SER C 152 7.21 23.08 -19.24
N GLU C 153 7.37 24.40 -19.40
CA GLU C 153 7.50 25.25 -18.21
C GLU C 153 6.18 25.34 -17.47
N GLN C 154 5.07 25.15 -18.16
CA GLN C 154 3.79 24.99 -17.48
C GLN C 154 3.83 23.79 -16.53
N GLU C 155 4.30 22.64 -17.03
CA GLU C 155 4.35 21.45 -16.19
C GLU C 155 5.32 21.64 -15.02
N LYS C 156 6.45 22.29 -15.25
CA LYS C 156 7.42 22.47 -14.18
C LYS C 156 6.85 23.31 -13.05
N LYS C 157 6.16 24.41 -13.38
CA LYS C 157 5.50 25.21 -12.35
C LYS C 157 4.31 24.47 -11.74
N TRP C 158 3.59 23.67 -12.52
CA TRP C 158 2.54 22.83 -11.95
C TRP C 158 3.09 21.98 -10.81
N LYS C 159 4.16 21.22 -11.08
CA LYS C 159 4.79 20.40 -10.06
C LYS C 159 5.18 21.22 -8.84
N THR C 160 5.87 22.35 -9.07
CA THR C 160 6.42 23.12 -7.96
C THR C 160 5.32 23.54 -6.98
N ARG C 161 4.17 24.00 -7.50
CA ARG C 161 3.08 24.37 -6.60
C ARG C 161 2.60 23.17 -5.81
N GLY C 162 2.44 22.02 -6.47
CA GLY C 162 2.07 20.81 -5.76
C GLY C 162 2.99 20.50 -4.59
N THR C 163 4.31 20.58 -4.84
CA THR C 163 5.25 20.29 -3.75
C THR C 163 5.17 21.36 -2.67
N GLN C 164 4.95 22.60 -3.07
CA GLN C 164 4.77 23.68 -2.11
C GLN C 164 3.57 23.35 -1.25
N GLU C 165 2.55 22.79 -1.85
CA GLU C 165 1.38 22.38 -1.08
C GLU C 165 1.76 21.36 0.00
N TYR C 166 2.71 20.47 -0.29
CA TYR C 166 3.08 19.46 0.71
C TYR C 166 4.02 20.03 1.77
N MET C 167 4.86 21.01 1.42
CA MET C 167 5.59 21.75 2.44
C MET C 167 4.64 22.48 3.38
N GLU C 168 3.58 23.10 2.83
CA GLU C 168 2.55 23.72 3.66
C GLU C 168 1.80 22.68 4.50
N LEU C 169 1.56 21.50 3.94
CA LEU C 169 0.87 20.46 4.68
C LEU C 169 1.66 20.03 5.91
N ALA C 170 2.99 19.91 5.76
CA ALA C 170 3.82 19.58 6.91
C ALA C 170 3.60 20.56 8.04
N GLN C 171 3.65 21.86 7.73
CA GLN C 171 3.40 22.89 8.72
C GLN C 171 1.99 22.75 9.30
N ARG C 172 0.98 22.78 8.42
CA ARG C 172 -0.40 22.62 8.87
C ARG C 172 -0.52 21.42 9.80
N CYS C 173 0.17 20.33 9.46
CA CYS C 173 0.04 19.11 10.24
C CYS C 173 0.75 19.23 11.57
N LEU C 174 1.99 19.70 11.58
CA LEU C 174 2.63 20.02 12.86
C LEU C 174 1.74 20.95 13.67
N ASN C 175 1.10 21.90 13.01
CA ASN C 175 0.32 22.93 13.70
C ASN C 175 -0.99 22.38 14.28
N SER C 176 -1.69 21.50 13.56
CA SER C 176 -3.05 21.18 14.01
C SER C 176 -3.54 19.74 13.82
N MET C 177 -2.80 18.85 13.19
CA MET C 177 -3.26 17.48 13.09
C MET C 177 -3.31 16.83 14.47
N GLN C 178 -4.45 16.22 14.82
CA GLN C 178 -4.58 15.56 16.11
C GLN C 178 -5.60 14.44 16.06
N GLU C 179 -5.29 13.35 16.76
CA GLU C 179 -6.25 12.28 17.03
C GLU C 179 -7.55 12.85 17.56
N VAL C 180 -8.66 12.51 16.92
CA VAL C 180 -9.96 12.99 17.36
C VAL C 180 -11.00 11.91 17.08
N GLN C 181 -12.03 11.89 17.92
CA GLN C 181 -13.16 11.04 17.66
C GLN C 181 -14.00 11.65 16.53
N PRO C 182 -14.54 10.83 15.64
CA PRO C 182 -15.31 11.39 14.52
C PRO C 182 -16.69 11.84 14.96
N LEU C 183 -17.22 12.82 14.24
CA LEU C 183 -18.63 13.13 14.39
C LEU C 183 -19.45 11.97 13.81
N SER C 184 -20.61 11.69 14.40
CA SER C 184 -21.45 10.62 13.92
C SER C 184 -22.41 11.10 12.83
N SER C 185 -22.38 12.37 12.49
CA SER C 185 -23.22 12.87 11.43
C SER C 185 -22.70 14.22 10.97
N GLU C 186 -22.93 14.51 9.69
CA GLU C 186 -22.77 15.87 9.18
C GLU C 186 -23.54 16.85 10.06
N SER C 187 -23.14 18.11 10.00
CA SER C 187 -23.80 19.18 10.72
C SER C 187 -23.52 20.49 9.99
N ASP C 188 -24.27 21.52 10.31
CA ASP C 188 -24.13 22.80 9.63
C ASP C 188 -23.01 23.63 10.14
N ASP C 189 -22.66 23.41 11.37
CA ASP C 189 -21.62 24.19 11.96
C ASP C 189 -20.25 23.57 11.84
N ARG C 190 -20.13 22.34 11.35
CA ARG C 190 -18.80 21.74 11.32
C ARG C 190 -17.94 22.42 10.26
N LEU C 191 -16.65 22.57 10.57
CA LEU C 191 -15.70 23.04 9.58
C LEU C 191 -15.60 22.03 8.44
N THR C 192 -15.26 22.54 7.26
CA THR C 192 -15.11 21.70 6.07
C THR C 192 -13.86 22.10 5.33
N TYR C 193 -13.64 21.46 4.19
CA TYR C 193 -12.50 21.80 3.34
C TYR C 193 -12.54 23.24 2.87
N LYS C 194 -13.72 23.90 2.87
CA LYS C 194 -13.76 25.32 2.53
C LYS C 194 -12.91 26.12 3.50
N ASP C 195 -12.65 25.54 4.68
CA ASP C 195 -11.89 26.20 5.73
C ASP C 195 -10.41 25.86 5.69
N PHE C 196 -9.95 25.09 4.71
CA PHE C 196 -8.53 24.97 4.50
C PHE C 196 -7.99 26.25 3.87
N SER C 197 -6.72 26.54 4.18
CA SER C 197 -6.06 27.66 3.50
C SER C 197 -6.06 27.46 1.99
N SER C 198 -5.72 26.24 1.55
CA SER C 198 -5.72 25.84 0.14
C SER C 198 -4.43 26.26 -0.56
C BCT D . 12.89 -7.84 -1.68
O1 BCT D . 13.43 -8.84 -2.17
O2 BCT D . 13.23 -7.04 -0.79
O3 BCT D . 11.66 -7.54 -2.37
HO3 BCT D . 11.37 -6.77 -2.16
ZN ZN E . -10.27 -9.43 -1.34
CA CA F . 0.38 -0.66 -5.15
C BCT G . -12.06 -7.74 -3.53
O1 BCT G . -12.08 -8.37 -2.47
O2 BCT G . -11.22 -6.93 -4.07
O3 BCT G . -13.20 -7.96 -4.38
HO3 BCT G . -13.49 -7.23 -4.70
ZN ZN H . -2.60 13.21 -3.64
C BCT I . 0.30 13.93 -5.22
O1 BCT I . 0.61 12.88 -5.79
O2 BCT I . -0.64 14.02 -4.39
O3 BCT I . 0.92 15.01 -5.64
HO3 BCT I . 1.27 14.85 -6.53
ZN ZN J . 13.17 -4.61 -0.36
#